data_6E8S
#
_entry.id   6E8S
#
_cell.length_a   63.031
_cell.length_b   67.585
_cell.length_c   76.667
_cell.angle_alpha   90.00
_cell.angle_beta   90.00
_cell.angle_gamma   90.00
#
_symmetry.space_group_name_H-M   'P 21 21 21'
#
loop_
_entity.id
_entity.type
_entity.pdbx_description
1 polymer 'iMango-III aptamer'
2 non-polymer 4-[(3-{2-[(2-methoxyethyl)amino]-2-oxoethyl}-1,3-benzothiazol-3-ium-2-yl)methyl]-1-methylquinolin-1-ium
3 non-polymer 'POTASSIUM ION'
4 non-polymer 'MAGNESIUM ION'
5 non-polymer 'SODIUM ION'
6 non-polymer SPERMINE
7 water water
#
_entity_poly.entity_id   1
_entity_poly.type   'polyribonucleotide'
_entity_poly.pdbx_seq_one_letter_code
;GCUACGAAGGAAGGAUUGGUAUGUGGUAUAUUCGUAGC
;
_entity_poly.pdbx_strand_id   A,B
#